data_4Y98
#
_entry.id   4Y98
#
_cell.length_a   61.301
_cell.length_b   61.301
_cell.length_c   134.659
_cell.angle_alpha   90.00
_cell.angle_beta   90.00
_cell.angle_gamma   120.00
#
_symmetry.space_group_name_H-M   'P 31 2 1'
#
_entity_poly.entity_id   1
_entity_poly.type   'polypeptide(L)'
_entity_poly.pdbx_seq_one_letter_code
;MKDFQDQVAFITGGASGAGFGQAKVFGQAGAKIVVADVRAEAVEKAVAELEGLGITAHGIVLDIMDREAYARAADEVEAV
FGQAPTLLSNTAGVNSFGPIEKTTYDDFDWIIGVNLNGVINGMVTFVPRMIASGRPGHIVTVSSLGGFMGSALAGPYSAA
KAASINLMEGYRQGLEKYGIGVSVCTPANIKSNIAEASRLRPAKYGTSGYVENEESIASLHSIHQHGLEPEKLAEAIKKG
VEDNALYIIPYPEVREGLEKHFQAIIDSVAPMESDPEGARQRVEALMAWGRDRTRVFAEGDKKGA
;
_entity_poly.pdbx_strand_id   A
#
# COMPACT_ATOMS: atom_id res chain seq x y z
N ASP A 3 -1.16 11.72 18.39
CA ASP A 3 -2.18 10.84 17.81
C ASP A 3 -1.51 9.62 17.19
N PHE A 4 -0.46 9.89 16.42
CA PHE A 4 0.44 8.88 15.90
C PHE A 4 1.82 9.03 16.54
N GLN A 5 1.90 9.82 17.60
CA GLN A 5 3.15 9.99 18.31
C GLN A 5 3.68 8.62 18.74
N ASP A 6 4.99 8.43 18.56
CA ASP A 6 5.66 7.16 18.86
C ASP A 6 4.99 6.01 18.14
N GLN A 7 4.65 6.24 16.88
CA GLN A 7 4.33 5.18 15.95
C GLN A 7 5.43 5.16 14.91
N VAL A 8 5.76 3.97 14.42
CA VAL A 8 6.75 3.82 13.35
C VAL A 8 6.06 3.33 12.08
N ALA A 9 6.32 4.02 10.97
CA ALA A 9 5.64 3.76 9.72
C ALA A 9 6.61 3.43 8.59
N PHE A 10 6.40 2.27 7.96
CA PHE A 10 7.23 1.80 6.85
C PHE A 10 6.46 1.89 5.53
N ILE A 11 6.85 2.83 4.69
CA ILE A 11 6.09 3.16 3.50
C ILE A 11 6.88 2.85 2.24
N THR A 12 6.34 1.95 1.43
CA THR A 12 6.96 1.62 0.16
C THR A 12 6.53 2.66 -0.86
N GLY A 13 7.38 2.91 -1.86
CA GLY A 13 7.10 3.90 -2.89
C GLY A 13 6.77 5.21 -2.23
N GLY A 14 7.51 5.47 -1.16
CA GLY A 14 7.28 6.63 -0.31
C GLY A 14 8.12 7.83 -0.71
N ALA A 15 9.03 7.64 -1.65
CA ALA A 15 9.83 8.75 -2.13
C ALA A 15 9.05 9.61 -3.11
N SER A 16 7.78 9.28 -3.30
CA SER A 16 6.99 9.97 -4.31
C SER A 16 5.50 9.76 -4.11
N GLY A 17 4.71 10.55 -4.84
CA GLY A 17 3.27 10.42 -4.90
C GLY A 17 2.56 10.19 -3.57
N ALA A 18 1.67 9.20 -3.60
CA ALA A 18 0.84 8.83 -2.46
C ALA A 18 1.68 8.33 -1.30
N GLY A 19 2.75 7.60 -1.62
CA GLY A 19 3.65 7.15 -0.58
C GLY A 19 4.16 8.35 0.19
N PHE A 20 4.71 9.32 -0.51
CA PHE A 20 5.30 10.50 0.14
C PHE A 20 4.27 11.31 0.89
N GLY A 21 3.12 11.51 0.26
CA GLY A 21 2.01 12.17 0.91
C GLY A 21 1.74 11.55 2.27
N GLN A 22 1.77 10.23 2.33
CA GLN A 22 1.53 9.52 3.58
C GLN A 22 2.62 9.80 4.60
N ALA A 23 3.86 9.82 4.13
CA ALA A 23 5.00 10.13 5.00
C ALA A 23 4.78 11.48 5.66
N LYS A 24 4.31 12.44 4.87
CA LYS A 24 4.11 13.78 5.35
C LYS A 24 2.94 13.83 6.32
N VAL A 25 1.85 13.18 5.95
CA VAL A 25 0.63 13.28 6.74
C VAL A 25 0.81 12.56 8.09
N PHE A 26 1.34 11.33 8.05
CA PHE A 26 1.57 10.55 9.26
C PHE A 26 2.65 11.16 10.12
N GLY A 27 3.63 11.77 9.46
CA GLY A 27 4.73 12.42 10.14
C GLY A 27 4.29 13.67 10.88
N GLN A 28 3.46 14.48 10.24
CA GLN A 28 2.89 15.66 10.87
C GLN A 28 1.98 15.28 12.03
N ALA A 29 1.62 14.01 12.11
CA ALA A 29 0.78 13.51 13.19
C ALA A 29 1.61 12.86 14.30
N GLY A 30 2.93 12.80 14.08
CA GLY A 30 3.86 12.35 15.11
C GLY A 30 4.61 11.06 14.81
N ALA A 31 4.32 10.46 13.66
CA ALA A 31 4.88 9.16 13.32
C ALA A 31 6.34 9.28 12.91
N LYS A 32 7.15 8.35 13.39
CA LYS A 32 8.49 8.20 12.86
C LYS A 32 8.31 7.49 11.53
N ILE A 33 9.07 7.90 10.52
CA ILE A 33 8.86 7.42 9.17
C ILE A 33 10.06 6.68 8.63
N VAL A 34 9.79 5.64 7.84
CA VAL A 34 10.81 4.94 7.06
C VAL A 34 10.44 4.99 5.59
N VAL A 35 11.17 5.78 4.81
CA VAL A 35 10.95 5.84 3.38
C VAL A 35 11.68 4.72 2.68
N ALA A 36 10.92 3.76 2.18
CA ALA A 36 11.43 2.70 1.34
C ALA A 36 11.04 2.96 -0.11
N ASP A 37 12.04 3.14 -0.97
CA ASP A 37 11.81 3.32 -2.39
C ASP A 37 13.09 2.94 -3.11
N VAL A 38 13.00 2.70 -4.41
CA VAL A 38 14.09 2.05 -5.13
C VAL A 38 15.07 3.08 -5.66
N ARG A 39 14.53 4.24 -6.00
CA ARG A 39 15.33 5.31 -6.57
C ARG A 39 16.11 5.98 -5.44
N ALA A 40 17.40 5.67 -5.33
CA ALA A 40 18.19 6.14 -4.18
C ALA A 40 18.25 7.66 -4.05
N GLU A 41 18.35 8.35 -5.18
CA GLU A 41 18.39 9.81 -5.19
C GLU A 41 17.07 10.38 -4.67
N ALA A 42 15.95 9.76 -5.05
CA ALA A 42 14.64 10.29 -4.70
C ALA A 42 14.37 10.08 -3.22
N VAL A 43 14.92 9.00 -2.69
CA VAL A 43 14.78 8.70 -1.28
C VAL A 43 15.47 9.80 -0.50
N GLU A 44 16.73 10.05 -0.85
CA GLU A 44 17.54 11.08 -0.23
C GLU A 44 16.82 12.43 -0.20
N LYS A 45 16.31 12.85 -1.34
CA LYS A 45 15.52 14.06 -1.44
C LYS A 45 14.34 13.99 -0.49
N ALA A 46 13.58 12.91 -0.58
CA ALA A 46 12.32 12.79 0.14
C ALA A 46 12.51 12.87 1.66
N VAL A 47 13.48 12.14 2.19
CA VAL A 47 13.72 12.15 3.64
C VAL A 47 14.18 13.53 4.10
N ALA A 48 15.01 14.19 3.29
CA ALA A 48 15.47 15.54 3.60
C ALA A 48 14.26 16.43 3.79
N GLU A 49 13.38 16.39 2.80
CA GLU A 49 12.19 17.22 2.78
C GLU A 49 11.33 16.91 4.00
N LEU A 50 11.43 15.69 4.51
CA LEU A 50 10.66 15.31 5.70
C LEU A 50 11.32 15.89 6.95
N GLU A 51 12.63 15.75 7.03
CA GLU A 51 13.40 16.32 8.12
C GLU A 51 13.18 17.84 8.14
N GLY A 52 13.07 18.41 6.95
CA GLY A 52 12.76 19.82 6.79
C GLY A 52 11.42 20.21 7.38
N LEU A 53 10.56 19.22 7.59
CA LEU A 53 9.22 19.46 8.13
C LEU A 53 9.12 19.07 9.60
N GLY A 54 10.27 18.80 10.21
CA GLY A 54 10.32 18.40 11.61
C GLY A 54 9.94 16.95 11.82
N ILE A 55 9.85 16.19 10.74
CA ILE A 55 9.59 14.77 10.84
C ILE A 55 10.90 14.02 10.98
N THR A 56 11.00 13.21 12.02
CA THR A 56 12.08 12.24 12.13
C THR A 56 11.88 11.15 11.07
N ALA A 57 12.86 10.94 10.22
CA ALA A 57 12.69 10.07 9.06
C ALA A 57 13.98 9.35 8.67
N HIS A 58 13.86 8.07 8.33
CA HIS A 58 14.98 7.30 7.81
C HIS A 58 14.71 6.75 6.42
N GLY A 59 15.73 6.79 5.58
CA GLY A 59 15.62 6.32 4.21
C GLY A 59 16.22 4.93 4.03
N ILE A 60 15.54 4.10 3.24
CA ILE A 60 16.08 2.81 2.83
C ILE A 60 15.88 2.58 1.35
N VAL A 61 16.97 2.39 0.60
CA VAL A 61 16.83 2.08 -0.82
C VAL A 61 16.52 0.61 -0.92
N LEU A 62 15.43 0.27 -1.59
CA LEU A 62 14.94 -1.10 -1.57
C LEU A 62 14.06 -1.42 -2.76
N ASP A 63 14.42 -2.48 -3.48
CA ASP A 63 13.50 -3.09 -4.42
C ASP A 63 12.71 -4.17 -3.68
N ILE A 64 11.44 -3.89 -3.43
CA ILE A 64 10.59 -4.80 -2.67
C ILE A 64 10.46 -6.20 -3.29
N MET A 65 10.79 -6.35 -4.56
CA MET A 65 10.77 -7.67 -5.19
C MET A 65 11.91 -8.54 -4.70
N ASP A 66 12.89 -7.95 -4.03
CA ASP A 66 14.00 -8.70 -3.44
C ASP A 66 13.65 -9.06 -1.99
N ARG A 67 13.37 -10.35 -1.77
CA ARG A 67 12.84 -10.81 -0.50
C ARG A 67 13.84 -10.73 0.64
N GLU A 68 15.12 -10.81 0.31
CA GLU A 68 16.17 -10.85 1.33
C GLU A 68 16.51 -9.43 1.72
N ALA A 69 16.51 -8.54 0.74
CA ALA A 69 16.76 -7.14 1.02
C ALA A 69 15.61 -6.59 1.84
N TYR A 70 14.41 -7.09 1.56
CA TYR A 70 13.23 -6.69 2.32
C TYR A 70 13.42 -7.14 3.76
N ALA A 71 14.17 -8.22 3.96
CA ALA A 71 14.41 -8.73 5.29
C ALA A 71 15.48 -7.92 5.99
N ARG A 72 16.46 -7.46 5.21
CA ARG A 72 17.53 -6.62 5.73
C ARG A 72 16.96 -5.29 6.22
N ALA A 73 16.17 -4.66 5.36
CA ALA A 73 15.47 -3.42 5.71
C ALA A 73 14.74 -3.53 7.03
N ALA A 74 13.96 -4.60 7.19
CA ALA A 74 13.14 -4.81 8.39
C ALA A 74 14.00 -4.90 9.63
N ASP A 75 15.22 -5.39 9.46
CA ASP A 75 16.18 -5.43 10.54
C ASP A 75 16.70 -4.04 10.78
N GLU A 76 17.03 -3.39 9.67
CA GLU A 76 17.51 -2.02 9.71
C GLU A 76 16.52 -1.17 10.49
N VAL A 77 15.23 -1.37 10.24
CA VAL A 77 14.21 -0.58 10.90
C VAL A 77 14.26 -0.79 12.41
N GLU A 78 14.55 -2.00 12.84
CA GLU A 78 14.58 -2.27 14.25
C GLU A 78 15.88 -1.75 14.86
N ALA A 79 16.93 -1.68 14.05
CA ALA A 79 18.21 -1.13 14.51
C ALA A 79 18.09 0.37 14.74
N VAL A 80 17.54 1.06 13.75
CA VAL A 80 17.39 2.50 13.78
C VAL A 80 16.41 2.94 14.85
N PHE A 81 15.18 2.45 14.79
CA PHE A 81 14.12 2.92 15.69
C PHE A 81 13.82 1.94 16.83
N GLY A 82 14.65 0.92 16.99
CA GLY A 82 14.58 0.07 18.17
C GLY A 82 13.30 -0.74 18.28
N GLN A 83 12.60 -0.91 17.17
CA GLN A 83 11.40 -1.74 17.14
C GLN A 83 10.94 -1.98 15.73
N ALA A 84 10.12 -3.02 15.56
CA ALA A 84 9.49 -3.26 14.28
C ALA A 84 8.43 -2.20 14.05
N PRO A 85 8.09 -1.96 12.78
CA PRO A 85 7.08 -0.94 12.51
C PRO A 85 5.75 -1.26 13.18
N THR A 86 4.98 -0.22 13.49
CA THR A 86 3.63 -0.41 13.98
C THR A 86 2.62 -0.02 12.90
N LEU A 87 3.14 0.51 11.79
CA LEU A 87 2.30 0.83 10.63
C LEU A 87 3.01 0.44 9.32
N LEU A 88 2.38 -0.42 8.51
CA LEU A 88 2.95 -0.82 7.22
C LEU A 88 2.09 -0.31 6.10
N SER A 89 2.72 0.36 5.14
CA SER A 89 2.03 0.79 3.94
C SER A 89 2.69 0.28 2.67
N ASN A 90 2.00 -0.62 2.00
CA ASN A 90 2.38 -1.12 0.69
C ASN A 90 1.76 -0.26 -0.40
N THR A 91 2.47 0.80 -0.77
CA THR A 91 1.94 1.84 -1.65
C THR A 91 2.59 1.79 -3.02
N ALA A 92 3.80 1.25 -3.09
CA ALA A 92 4.54 1.14 -4.33
C ALA A 92 3.69 0.50 -5.44
N GLY A 93 3.79 1.06 -6.63
CA GLY A 93 3.01 0.60 -7.76
C GLY A 93 3.66 1.00 -9.06
N VAL A 94 3.44 0.22 -10.11
CA VAL A 94 3.92 0.56 -11.44
C VAL A 94 2.88 0.12 -12.44
N ASN A 95 2.92 0.70 -13.63
CA ASN A 95 2.02 0.30 -14.67
C ASN A 95 2.52 0.67 -16.05
N SER A 96 2.02 -0.04 -17.04
CA SER A 96 2.24 0.29 -18.44
C SER A 96 1.00 -0.13 -19.20
N PHE A 97 0.58 0.71 -20.14
CA PHE A 97 -0.66 0.48 -20.85
C PHE A 97 -0.37 -0.24 -22.15
N GLY A 98 -1.38 -0.90 -22.68
CA GLY A 98 -1.26 -1.61 -23.94
C GLY A 98 -2.26 -2.75 -24.00
N PRO A 99 -2.48 -3.30 -25.20
CA PRO A 99 -3.50 -4.34 -25.34
C PRO A 99 -3.13 -5.60 -24.58
N ILE A 100 -4.10 -6.12 -23.83
CA ILE A 100 -3.87 -7.26 -22.96
C ILE A 100 -3.37 -8.49 -23.74
N GLU A 101 -3.79 -8.60 -24.99
CA GLU A 101 -3.38 -9.72 -25.84
C GLU A 101 -1.90 -9.69 -26.12
N LYS A 102 -1.36 -8.48 -26.19
CA LYS A 102 0.03 -8.25 -26.57
C LYS A 102 0.97 -8.41 -25.38
N THR A 103 0.42 -8.69 -24.21
CA THR A 103 1.20 -8.67 -22.99
C THR A 103 2.26 -9.75 -23.04
N THR A 104 3.43 -9.47 -22.45
CA THR A 104 4.54 -10.39 -22.47
C THR A 104 4.88 -10.86 -21.07
N TYR A 105 5.78 -11.82 -20.97
CA TYR A 105 6.18 -12.34 -19.67
C TYR A 105 6.85 -11.24 -18.85
N ASP A 106 7.68 -10.44 -19.50
CA ASP A 106 8.37 -9.36 -18.81
C ASP A 106 7.39 -8.30 -18.33
N ASP A 107 6.41 -7.97 -19.17
CA ASP A 107 5.32 -7.11 -18.73
C ASP A 107 4.73 -7.66 -17.44
N PHE A 108 4.38 -8.95 -17.46
CA PHE A 108 3.74 -9.58 -16.31
C PHE A 108 4.64 -9.56 -15.10
N ASP A 109 5.86 -10.08 -15.26
CA ASP A 109 6.77 -10.20 -14.13
C ASP A 109 6.98 -8.88 -13.42
N TRP A 110 7.21 -7.85 -14.22
CA TRP A 110 7.47 -6.53 -13.68
C TRP A 110 6.25 -6.00 -12.92
N ILE A 111 5.10 -6.03 -13.58
CA ILE A 111 3.88 -5.43 -13.04
C ILE A 111 3.29 -6.27 -11.91
N ILE A 112 3.23 -7.59 -12.09
CA ILE A 112 2.78 -8.47 -11.02
C ILE A 112 3.81 -8.39 -9.88
N GLY A 113 5.08 -8.31 -10.25
CA GLY A 113 6.16 -8.29 -9.27
C GLY A 113 6.04 -7.14 -8.29
N VAL A 114 5.75 -5.95 -8.80
CA VAL A 114 5.65 -4.80 -7.92
C VAL A 114 4.32 -4.78 -7.20
N ASN A 115 3.26 -4.87 -7.98
CA ASN A 115 1.93 -4.60 -7.49
C ASN A 115 1.33 -5.74 -6.65
N LEU A 116 1.83 -6.97 -6.85
CA LEU A 116 1.44 -8.09 -5.99
C LEU A 116 2.60 -8.64 -5.19
N ASN A 117 3.60 -9.19 -5.86
CA ASN A 117 4.66 -9.87 -5.14
C ASN A 117 5.34 -8.97 -4.13
N GLY A 118 5.43 -7.70 -4.49
CA GLY A 118 6.01 -6.69 -3.62
C GLY A 118 5.24 -6.59 -2.31
N VAL A 119 3.92 -6.74 -2.36
CA VAL A 119 3.14 -6.56 -1.14
C VAL A 119 3.12 -7.86 -0.37
N ILE A 120 3.22 -8.99 -1.05
CA ILE A 120 3.34 -10.27 -0.36
C ILE A 120 4.64 -10.30 0.44
N ASN A 121 5.74 -9.95 -0.21
CA ASN A 121 7.03 -9.83 0.47
C ASN A 121 6.96 -8.92 1.68
N GLY A 122 6.19 -7.85 1.56
CA GLY A 122 5.97 -6.94 2.66
C GLY A 122 5.24 -7.61 3.80
N MET A 123 4.15 -8.30 3.46
CA MET A 123 3.34 -8.98 4.47
C MET A 123 4.12 -10.11 5.13
N VAL A 124 4.87 -10.88 4.34
CA VAL A 124 5.57 -12.03 4.91
C VAL A 124 6.68 -11.53 5.82
N THR A 125 7.32 -10.44 5.43
CA THR A 125 8.42 -9.88 6.19
C THR A 125 7.98 -9.33 7.54
N PHE A 126 6.91 -8.55 7.56
CA PHE A 126 6.63 -7.72 8.72
C PHE A 126 5.63 -8.36 9.68
N VAL A 127 4.64 -9.07 9.14
CA VAL A 127 3.53 -9.61 9.95
C VAL A 127 4.02 -10.36 11.20
N PRO A 128 4.98 -11.28 11.03
CA PRO A 128 5.48 -11.97 12.23
C PRO A 128 6.16 -11.03 13.22
N ARG A 129 6.94 -10.08 12.72
CA ARG A 129 7.62 -9.11 13.56
C ARG A 129 6.64 -8.21 14.29
N MET A 130 5.54 -7.87 13.61
CA MET A 130 4.53 -7.00 14.21
C MET A 130 3.75 -7.73 15.28
N ILE A 131 3.52 -9.02 15.05
CA ILE A 131 2.84 -9.86 16.02
C ILE A 131 3.71 -10.11 17.23
N ALA A 132 4.99 -10.36 16.98
CA ALA A 132 5.96 -10.63 18.05
C ALA A 132 6.21 -9.40 18.93
N SER A 133 5.94 -8.22 18.39
CA SER A 133 6.12 -7.00 19.15
C SER A 133 5.08 -6.90 20.25
N GLY A 134 3.94 -7.55 20.01
CA GLY A 134 2.85 -7.54 20.97
C GLY A 134 2.19 -6.19 21.07
N ARG A 135 2.46 -5.33 20.09
CA ARG A 135 1.88 -4.00 20.07
C ARG A 135 0.73 -3.94 19.10
N PRO A 136 -0.26 -3.07 19.36
CA PRO A 136 -1.24 -2.75 18.32
C PRO A 136 -0.54 -2.24 17.08
N GLY A 137 -1.18 -2.38 15.93
CA GLY A 137 -0.57 -1.97 14.69
C GLY A 137 -1.62 -1.86 13.62
N HIS A 138 -1.18 -1.59 12.39
CA HIS A 138 -2.09 -1.48 11.26
C HIS A 138 -1.36 -1.63 9.93
N ILE A 139 -2.08 -2.10 8.91
CA ILE A 139 -1.50 -2.33 7.59
C ILE A 139 -2.39 -1.88 6.46
N VAL A 140 -1.87 -0.97 5.65
CA VAL A 140 -2.59 -0.47 4.48
C VAL A 140 -1.87 -0.92 3.24
N THR A 141 -2.66 -1.23 2.22
CA THR A 141 -2.12 -1.46 0.91
C THR A 141 -2.86 -0.51 -0.01
N VAL A 142 -2.12 0.32 -0.74
CA VAL A 142 -2.73 1.13 -1.78
C VAL A 142 -2.78 0.28 -3.04
N SER A 143 -3.97 -0.25 -3.31
CA SER A 143 -4.22 -1.05 -4.48
C SER A 143 -4.77 -0.15 -5.57
N SER A 144 -5.96 -0.46 -6.08
CA SER A 144 -6.55 0.32 -7.17
C SER A 144 -8.03 -0.06 -7.37
N LEU A 145 -8.78 0.85 -7.96
CA LEU A 145 -10.16 0.60 -8.32
C LEU A 145 -10.24 -0.43 -9.44
N GLY A 146 -9.19 -0.47 -10.25
CA GLY A 146 -9.08 -1.42 -11.35
C GLY A 146 -9.01 -2.84 -10.80
N GLY A 147 -8.70 -2.95 -9.51
CA GLY A 147 -8.71 -4.23 -8.83
C GLY A 147 -10.12 -4.82 -8.79
N PHE A 148 -11.14 -3.96 -8.82
CA PHE A 148 -12.55 -4.40 -8.78
C PHE A 148 -13.10 -4.66 -10.18
N MET A 149 -12.30 -4.43 -11.22
CA MET A 149 -12.78 -4.60 -12.58
C MET A 149 -11.63 -4.69 -13.60
N GLY A 150 -11.45 -5.88 -14.15
CA GLY A 150 -10.41 -6.13 -15.14
C GLY A 150 -10.59 -5.35 -16.44
N SER A 151 -9.48 -5.01 -17.08
CA SER A 151 -9.50 -4.08 -18.21
C SER A 151 -8.55 -4.53 -19.32
N ALA A 152 -8.89 -4.14 -20.55
CA ALA A 152 -8.15 -4.58 -21.72
C ALA A 152 -6.81 -3.86 -21.86
N LEU A 153 -6.69 -2.66 -21.29
CA LEU A 153 -5.49 -1.84 -21.46
C LEU A 153 -4.61 -1.81 -20.23
N ALA A 154 -5.13 -2.31 -19.11
CA ALA A 154 -4.33 -2.43 -17.90
C ALA A 154 -4.60 -3.76 -17.24
N GLY A 155 -4.52 -4.81 -18.07
CA GLY A 155 -4.92 -6.14 -17.66
C GLY A 155 -4.08 -6.65 -16.50
N PRO A 156 -2.75 -6.68 -16.69
CA PRO A 156 -1.86 -7.21 -15.66
C PRO A 156 -1.98 -6.42 -14.37
N TYR A 157 -1.91 -5.10 -14.48
CA TYR A 157 -1.98 -4.22 -13.34
C TYR A 157 -3.27 -4.46 -12.57
N SER A 158 -4.40 -4.41 -13.27
CA SER A 158 -5.71 -4.60 -12.63
C SER A 158 -5.80 -5.92 -11.88
N ALA A 159 -5.20 -6.95 -12.45
CA ALA A 159 -5.27 -8.28 -11.88
C ALA A 159 -4.48 -8.36 -10.57
N ALA A 160 -3.30 -7.77 -10.56
CA ALA A 160 -2.46 -7.75 -9.37
C ALA A 160 -3.13 -6.96 -8.24
N LYS A 161 -3.78 -5.87 -8.61
CA LYS A 161 -4.48 -5.04 -7.64
C LYS A 161 -5.68 -5.79 -7.11
N ALA A 162 -6.30 -6.58 -7.98
CA ALA A 162 -7.42 -7.43 -7.58
C ALA A 162 -6.99 -8.43 -6.51
N ALA A 163 -5.79 -8.95 -6.63
CA ALA A 163 -5.27 -9.88 -5.62
C ALA A 163 -4.89 -9.15 -4.31
N SER A 164 -4.37 -7.94 -4.40
CA SER A 164 -3.92 -7.28 -3.17
C SER A 164 -5.16 -6.90 -2.35
N ILE A 165 -6.21 -6.46 -3.03
CA ILE A 165 -7.48 -6.19 -2.35
C ILE A 165 -7.90 -7.43 -1.59
N ASN A 166 -8.04 -8.54 -2.32
CA ASN A 166 -8.46 -9.81 -1.73
C ASN A 166 -7.56 -10.26 -0.60
N LEU A 167 -6.26 -10.17 -0.83
CA LEU A 167 -5.29 -10.56 0.16
C LEU A 167 -5.42 -9.72 1.44
N MET A 168 -5.68 -8.42 1.28
CA MET A 168 -5.93 -7.59 2.46
C MET A 168 -7.24 -8.03 3.12
N GLU A 169 -8.24 -8.39 2.32
CA GLU A 169 -9.52 -8.85 2.87
C GLU A 169 -9.24 -10.03 3.80
N GLY A 170 -8.26 -10.84 3.39
CA GLY A 170 -7.89 -12.04 4.12
C GLY A 170 -7.09 -11.75 5.37
N TYR A 171 -6.14 -10.83 5.28
CA TYR A 171 -5.27 -10.51 6.41
C TYR A 171 -6.03 -9.78 7.50
N ARG A 172 -7.04 -9.02 7.10
CA ARG A 172 -7.87 -8.33 8.07
C ARG A 172 -8.48 -9.36 9.01
N GLN A 173 -9.11 -10.38 8.43
CA GLN A 173 -9.71 -11.45 9.21
C GLN A 173 -8.68 -12.15 10.10
N GLY A 174 -7.51 -12.43 9.55
CA GLY A 174 -6.47 -13.09 10.30
C GLY A 174 -5.94 -12.28 11.48
N LEU A 175 -5.72 -11.00 11.27
CA LEU A 175 -4.93 -10.23 12.21
C LEU A 175 -5.73 -9.48 13.27
N GLU A 176 -7.06 -9.47 13.13
CA GLU A 176 -7.89 -8.79 14.09
C GLU A 176 -7.66 -9.30 15.49
N LYS A 177 -7.41 -10.60 15.60
CA LYS A 177 -7.19 -11.20 16.90
C LYS A 177 -5.89 -10.71 17.50
N TYR A 178 -5.06 -10.05 16.69
CA TYR A 178 -3.79 -9.53 17.17
C TYR A 178 -3.82 -8.02 17.39
N GLY A 179 -5.01 -7.44 17.33
CA GLY A 179 -5.16 -6.01 17.49
C GLY A 179 -4.51 -5.25 16.34
N ILE A 180 -4.27 -5.96 15.24
CA ILE A 180 -3.70 -5.35 14.05
C ILE A 180 -4.77 -5.22 12.98
N GLY A 181 -5.10 -3.98 12.68
CA GLY A 181 -6.06 -3.67 11.64
C GLY A 181 -5.42 -3.79 10.27
N VAL A 182 -6.27 -3.88 9.25
CA VAL A 182 -5.83 -3.98 7.87
C VAL A 182 -6.82 -3.20 7.03
N SER A 183 -6.30 -2.44 6.08
CA SER A 183 -7.14 -1.69 5.15
C SER A 183 -6.59 -1.90 3.76
N VAL A 184 -7.39 -1.58 2.75
CA VAL A 184 -6.90 -1.49 1.40
C VAL A 184 -7.49 -0.22 0.78
N CYS A 185 -6.65 0.57 0.13
CA CYS A 185 -7.09 1.80 -0.51
C CYS A 185 -7.18 1.55 -2.00
N THR A 186 -8.27 1.97 -2.62
CA THR A 186 -8.47 1.69 -4.04
C THR A 186 -8.71 3.00 -4.76
N PRO A 187 -7.63 3.68 -5.13
CA PRO A 187 -7.80 4.93 -5.87
C PRO A 187 -8.38 4.70 -7.27
N ALA A 188 -8.98 5.75 -7.83
CA ALA A 188 -9.56 5.70 -9.17
C ALA A 188 -8.58 6.15 -10.25
N ASN A 189 -7.67 5.26 -10.63
CA ASN A 189 -6.68 5.56 -11.66
C ASN A 189 -6.89 4.69 -12.92
N ILE A 190 -7.98 4.97 -13.65
CA ILE A 190 -8.30 4.25 -14.88
C ILE A 190 -8.30 5.19 -16.08
N HIS A 226 -8.21 17.42 -11.64
CA HIS A 226 -8.58 16.22 -12.36
C HIS A 226 -7.86 15.00 -11.79
N GLY A 227 -8.49 14.36 -10.81
CA GLY A 227 -7.88 13.27 -10.06
C GLY A 227 -7.52 13.76 -8.68
N LEU A 228 -7.64 12.90 -7.68
CA LEU A 228 -7.46 13.31 -6.29
C LEU A 228 -5.97 13.51 -5.97
N GLU A 229 -5.66 14.65 -5.37
CA GLU A 229 -4.27 15.02 -5.04
C GLU A 229 -3.60 14.08 -4.05
N PRO A 230 -2.27 13.93 -4.16
CA PRO A 230 -1.55 13.00 -3.27
C PRO A 230 -1.73 13.26 -1.79
N GLU A 231 -1.83 14.53 -1.38
CA GLU A 231 -2.01 14.81 0.03
C GLU A 231 -3.47 14.61 0.42
N LYS A 232 -4.37 14.89 -0.50
CA LYS A 232 -5.79 14.64 -0.26
C LYS A 232 -6.02 13.16 0.03
N LEU A 233 -5.54 12.30 -0.88
CA LEU A 233 -5.65 10.86 -0.73
C LEU A 233 -4.94 10.36 0.53
N ALA A 234 -3.85 11.04 0.89
CA ALA A 234 -3.09 10.66 2.07
C ALA A 234 -3.94 10.84 3.32
N GLU A 235 -4.61 11.98 3.41
CA GLU A 235 -5.47 12.23 4.55
C GLU A 235 -6.60 11.20 4.60
N ALA A 236 -7.07 10.75 3.44
CA ALA A 236 -8.13 9.75 3.37
C ALA A 236 -7.66 8.42 3.94
N ILE A 237 -6.40 8.09 3.69
CA ILE A 237 -5.84 6.87 4.22
C ILE A 237 -5.66 6.98 5.74
N LYS A 238 -5.16 8.12 6.23
CA LYS A 238 -4.94 8.30 7.68
C LYS A 238 -6.26 8.21 8.43
N LYS A 239 -7.31 8.75 7.83
CA LYS A 239 -8.65 8.62 8.37
C LYS A 239 -9.06 7.14 8.41
N GLY A 240 -8.85 6.45 7.29
CA GLY A 240 -9.19 5.04 7.21
C GLY A 240 -8.46 4.21 8.25
N VAL A 241 -7.19 4.54 8.49
CA VAL A 241 -6.40 3.89 9.52
C VAL A 241 -7.00 4.13 10.90
N GLU A 242 -7.33 5.37 11.20
CA GLU A 242 -7.96 5.71 12.46
C GLU A 242 -9.30 4.97 12.62
N ASP A 243 -10.09 4.96 11.55
CA ASP A 243 -11.41 4.33 11.57
C ASP A 243 -11.33 2.80 11.54
N ASN A 244 -10.13 2.29 11.27
CA ASN A 244 -9.94 0.86 10.99
C ASN A 244 -10.89 0.36 9.93
N ALA A 245 -10.92 1.05 8.80
CA ALA A 245 -11.81 0.72 7.70
C ALA A 245 -11.16 -0.33 6.83
N LEU A 246 -11.93 -1.30 6.37
CA LEU A 246 -11.40 -2.29 5.44
C LEU A 246 -11.14 -1.63 4.10
N TYR A 247 -12.13 -0.90 3.59
CA TYR A 247 -11.98 -0.23 2.30
C TYR A 247 -11.87 1.29 2.45
N ILE A 248 -10.98 1.87 1.65
CA ILE A 248 -10.81 3.30 1.59
C ILE A 248 -11.00 3.77 0.16
N ILE A 249 -12.21 4.23 -0.13
CA ILE A 249 -12.60 4.60 -1.48
C ILE A 249 -13.12 6.03 -1.53
N PRO A 250 -12.20 7.01 -1.45
CA PRO A 250 -12.59 8.41 -1.31
C PRO A 250 -12.98 9.04 -2.66
N TYR A 251 -13.84 8.36 -3.40
CA TYR A 251 -14.23 8.82 -4.73
C TYR A 251 -15.72 8.62 -4.99
N PRO A 252 -16.58 9.42 -4.34
CA PRO A 252 -18.03 9.31 -4.45
C PRO A 252 -18.57 9.04 -5.86
N GLU A 253 -17.80 9.42 -6.88
CA GLU A 253 -18.25 9.31 -8.26
C GLU A 253 -18.32 7.87 -8.76
N VAL A 254 -17.45 7.00 -8.27
CA VAL A 254 -17.37 5.63 -8.79
C VAL A 254 -18.51 4.71 -8.36
N ARG A 255 -19.30 5.16 -7.39
CA ARG A 255 -20.32 4.31 -6.78
C ARG A 255 -21.22 3.66 -7.82
N GLU A 256 -21.71 4.43 -8.78
CA GLU A 256 -22.63 3.93 -9.78
C GLU A 256 -22.03 2.76 -10.56
N GLY A 257 -20.81 2.94 -11.05
CA GLY A 257 -20.16 1.95 -11.89
C GLY A 257 -19.81 0.68 -11.14
N LEU A 258 -19.47 0.85 -9.87
CA LEU A 258 -19.10 -0.26 -9.02
C LEU A 258 -20.33 -1.10 -8.72
N GLU A 259 -21.46 -0.43 -8.49
CA GLU A 259 -22.72 -1.10 -8.30
C GLU A 259 -23.06 -1.91 -9.55
N LYS A 260 -22.81 -1.33 -10.71
CA LYS A 260 -23.17 -1.95 -11.97
C LYS A 260 -22.30 -3.18 -12.23
N HIS A 261 -21.01 -3.07 -11.96
CA HIS A 261 -20.10 -4.18 -12.21
C HIS A 261 -20.46 -5.37 -11.33
N PHE A 262 -20.82 -5.09 -10.09
CA PHE A 262 -21.12 -6.16 -9.14
C PHE A 262 -22.47 -6.81 -9.47
N GLN A 263 -23.43 -6.02 -9.93
CA GLN A 263 -24.74 -6.56 -10.25
C GLN A 263 -24.64 -7.58 -11.38
N ALA A 264 -23.79 -7.27 -12.36
CA ALA A 264 -23.57 -8.16 -13.49
C ALA A 264 -23.16 -9.52 -12.98
N ILE A 265 -22.27 -9.53 -11.99
CA ILE A 265 -21.86 -10.75 -11.34
C ILE A 265 -23.05 -11.43 -10.67
N ILE A 266 -23.74 -10.73 -9.78
CA ILE A 266 -24.91 -11.30 -9.10
C ILE A 266 -25.92 -11.85 -10.09
N ASP A 267 -26.15 -11.13 -11.18
CA ASP A 267 -27.10 -11.55 -12.19
C ASP A 267 -26.64 -12.85 -12.87
N SER A 268 -25.34 -13.10 -12.85
CA SER A 268 -24.81 -14.32 -13.48
C SER A 268 -25.08 -15.56 -12.62
N VAL A 269 -25.38 -15.34 -11.35
CA VAL A 269 -25.64 -16.45 -10.44
C VAL A 269 -26.86 -17.23 -10.93
N ALA A 270 -26.69 -18.53 -11.10
CA ALA A 270 -27.74 -19.40 -11.64
C ALA A 270 -28.98 -19.37 -10.75
N PRO A 271 -30.17 -19.36 -11.36
CA PRO A 271 -31.35 -19.69 -10.57
C PRO A 271 -31.34 -21.20 -10.25
N MET A 272 -32.13 -21.67 -9.29
CA MET A 272 -33.06 -20.84 -8.53
C MET A 272 -32.46 -20.44 -7.18
#